data_1FIG
#
_entry.id   1FIG
#
_cell.length_a   37.100
_cell.length_b   63.300
_cell.length_c   178.500
_cell.angle_alpha   90.00
_cell.angle_beta   90.00
_cell.angle_gamma   90.00
#
_symmetry.space_group_name_H-M   'P 21 21 21'
#
loop_
_entity.id
_entity.type
_entity.pdbx_description
1 polymer 'IGG1-KAPPA 1F7 FAB (LIGHT CHAIN)'
2 polymer 'IGG1-KAPPA 1F7 FAB (HEAVY CHAIN)'
3 non-polymer '8-HYDROXY-2-OXA-BICYCLO[3.3.1]NON-6-ENE-3,5-DICARBOXYLIC ACID'
4 water water
#
loop_
_entity_poly.entity_id
_entity_poly.type
_entity_poly.pdbx_seq_one_letter_code
_entity_poly.pdbx_strand_id
1 'polypeptide(L)'
;ENVLTQSPAIMSASPGEKVTMACRASSSVSSTYLHWYQQKSGASPKLLIYSTSNLASGVPARFSGSGSGTSYSLTISSVE
AEDAATYYCQQYSGYPLTFGAGTKLELKRADAAPTVSIFPPSSEQLTSGGASVVCFLNNFYPKDINVKWKIDGSERQNGV
LNSWTDQDSKDSTYSMSSTLTLTKDEYERHNSYTCEATHKTSTSPIVKSFNRNEC
;
L
2 'polypeptide(L)'
;DVQLQQSGPELEKPGASVKISCKASGFSLPGHNINWIVQRNGKSLEWIGNIDPYYGGTNFNPKFKGKATLTVDKSSSTLY
MHLTSLQSEDSAVYYCARRRDGNYGFTYWGQGTLVTVSAAKTTPPSVYPLAPGSAAQTNSMVTLGCLVKGYFPEPVTVTW
NSGSLSSGVHTFPAVLQSDLYTLSSSVTVPSSTWPSETVTCNVAHPASSTKVDKKI
;
H
#
# COMPACT_ATOMS: atom_id res chain seq x y z
N GLU A 1 7.71 30.44 -3.18
CA GLU A 1 7.00 29.26 -2.71
C GLU A 1 7.42 29.11 -1.23
N ASN A 2 6.91 28.18 -0.39
CA ASN A 2 7.31 28.04 1.03
C ASN A 2 7.45 26.53 1.09
N VAL A 3 8.67 25.99 1.15
CA VAL A 3 8.93 24.56 1.03
C VAL A 3 9.43 23.90 2.33
N LEU A 4 9.01 22.65 2.54
CA LEU A 4 9.27 22.03 3.82
C LEU A 4 10.05 20.75 3.59
N THR A 5 11.04 20.61 4.46
CA THR A 5 11.92 19.47 4.49
C THR A 5 11.85 19.12 5.99
N GLN A 6 11.55 17.88 6.36
CA GLN A 6 11.51 17.56 7.77
C GLN A 6 12.36 16.30 8.07
N SER A 7 13.70 16.39 8.02
CA SER A 7 14.53 15.25 8.39
C SER A 7 14.14 14.87 9.83
N PRO A 8 14.34 13.70 10.45
CA PRO A 8 14.99 12.54 9.89
C PRO A 8 14.22 11.91 8.74
N ALA A 9 14.92 11.54 7.65
CA ALA A 9 14.26 10.88 6.53
C ALA A 9 13.55 9.64 7.09
N ILE A 10 14.34 8.66 7.55
CA ILE A 10 13.83 7.48 8.22
C ILE A 10 14.20 7.84 9.69
N MET A 11 13.48 7.28 10.67
CA MET A 11 13.78 7.46 12.06
C MET A 11 13.46 6.13 12.79
N SER A 12 13.97 5.99 14.03
CA SER A 12 13.83 4.79 14.86
C SER A 12 12.98 4.98 16.10
N ALA A 13 12.74 3.90 16.89
CA ALA A 13 12.04 3.94 18.19
C ALA A 13 12.03 2.58 18.92
N SER A 14 11.37 2.58 20.09
CA SER A 14 11.10 1.43 20.97
C SER A 14 9.83 1.86 21.70
N PRO A 15 8.86 1.00 22.02
CA PRO A 15 7.72 1.37 22.89
C PRO A 15 8.17 1.97 24.24
N GLY A 16 7.98 3.27 24.27
CA GLY A 16 8.29 4.07 25.42
C GLY A 16 8.88 5.35 24.91
N GLU A 17 9.73 5.24 23.90
CA GLU A 17 10.58 6.32 23.45
C GLU A 17 9.91 7.62 23.19
N LYS A 18 10.51 8.75 23.63
CA LYS A 18 10.00 10.09 23.36
C LYS A 18 10.66 10.47 22.05
N VAL A 19 9.88 10.43 20.94
CA VAL A 19 10.39 10.72 19.61
C VAL A 19 9.84 12.08 19.14
N THR A 20 10.59 12.77 18.27
CA THR A 20 10.36 14.16 17.91
C THR A 20 10.82 14.37 16.47
N MET A 21 10.15 15.22 15.66
CA MET A 21 10.60 15.60 14.30
C MET A 21 10.17 17.03 14.02
N ALA A 22 10.67 17.71 12.97
CA ALA A 22 10.36 19.11 12.76
C ALA A 22 9.88 19.63 11.38
N CYS A 23 8.67 20.15 11.24
CA CYS A 23 8.20 20.74 10.00
C CYS A 23 8.97 22.04 9.78
N ARG A 24 10.20 22.03 9.24
CA ARG A 24 11.00 23.25 9.02
C ARG A 24 10.44 23.97 7.81
N ALA A 25 9.93 25.17 8.06
CA ALA A 25 9.20 25.95 7.09
C ALA A 25 9.94 27.20 6.65
N SER A 26 9.45 27.98 5.70
CA SER A 26 10.22 29.16 5.30
C SER A 26 9.49 30.42 5.76
N SER A 27 10.33 31.20 6.48
CA SER A 27 10.12 32.49 7.25
C SER A 27 8.88 32.50 8.18
N SER A 28 7.77 33.00 7.70
CA SER A 28 6.58 33.01 8.49
C SER A 28 5.84 31.99 7.70
N VAL A 29 5.26 30.93 8.25
CA VAL A 29 4.20 30.29 7.47
C VAL A 29 3.17 31.40 7.70
N SER A 30 2.93 32.32 6.74
CA SER A 30 2.18 33.61 6.82
C SER A 30 1.08 34.00 7.88
N SER A 31 0.73 33.08 8.79
CA SER A 31 -0.03 33.26 10.01
C SER A 31 0.14 31.95 10.77
N THR A 32 0.57 30.86 10.07
CA THR A 32 0.88 29.55 10.58
C THR A 32 -0.33 28.62 10.83
N TYR A 33 -0.61 27.75 9.84
CA TYR A 33 -1.58 26.67 10.01
C TYR A 33 -0.92 25.34 9.72
N LEU A 34 -0.46 24.63 10.76
CA LEU A 34 0.27 23.40 10.55
C LEU A 34 -0.38 22.07 10.90
N HIS A 35 -0.31 21.24 9.85
CA HIS A 35 -1.07 19.99 9.78
C HIS A 35 -0.14 18.81 9.59
N TRP A 36 -0.33 17.80 10.43
CA TRP A 36 0.54 16.64 10.44
C TRP A 36 -0.37 15.48 10.11
N TYR A 37 0.09 14.78 9.07
CA TYR A 37 -0.65 13.69 8.45
C TYR A 37 0.02 12.33 8.60
N GLN A 38 -0.68 11.31 9.11
CA GLN A 38 -0.06 9.98 9.17
C GLN A 38 -0.57 9.11 8.01
N GLN A 39 0.30 8.59 7.16
CA GLN A 39 -0.14 7.83 6.01
C GLN A 39 0.39 6.45 6.38
N LYS A 40 -0.51 5.50 6.56
CA LYS A 40 -0.13 4.14 6.88
C LYS A 40 -0.19 3.17 5.68
N SER A 41 0.94 2.94 5.05
CA SER A 41 1.09 1.95 3.98
C SER A 41 0.11 1.93 2.78
N GLY A 42 0.05 3.04 2.05
CA GLY A 42 -0.82 3.13 0.89
C GLY A 42 -2.24 3.51 1.29
N ALA A 43 -2.39 4.66 1.92
CA ALA A 43 -3.70 5.00 2.38
C ALA A 43 -3.77 6.49 2.49
N SER A 44 -5.02 6.81 2.68
CA SER A 44 -5.42 8.14 3.03
C SER A 44 -4.52 8.64 4.16
N PRO A 45 -3.87 9.80 4.01
CA PRO A 45 -3.37 10.59 5.13
C PRO A 45 -4.52 10.92 6.06
N LYS A 46 -4.23 11.01 7.34
CA LYS A 46 -5.22 11.31 8.34
C LYS A 46 -4.72 12.43 9.27
N LEU A 47 -5.57 13.43 9.43
CA LEU A 47 -5.21 14.53 10.31
C LEU A 47 -5.19 14.09 11.74
N LEU A 48 -4.13 14.50 12.43
CA LEU A 48 -3.98 14.21 13.84
C LEU A 48 -4.07 15.59 14.42
N ILE A 49 -2.98 16.28 14.10
CA ILE A 49 -2.62 17.61 14.52
C ILE A 49 -2.99 18.54 13.39
N TYR A 50 -3.58 19.72 13.65
CA TYR A 50 -4.03 20.57 12.58
C TYR A 50 -3.92 22.07 12.64
N SER A 51 -4.44 22.90 13.54
CA SER A 51 -4.19 24.32 13.46
C SER A 51 -3.10 24.45 14.49
N THR A 52 -1.92 24.09 13.93
CA THR A 52 -0.53 23.91 14.41
C THR A 52 -0.29 22.98 15.61
N SER A 53 -1.05 23.12 16.66
CA SER A 53 -0.91 22.38 17.91
C SER A 53 -1.99 21.32 18.11
N ASN A 54 -3.16 21.82 17.69
CA ASN A 54 -4.46 21.19 17.86
C ASN A 54 -4.46 19.75 17.43
N LEU A 55 -4.98 18.82 18.21
CA LEU A 55 -5.22 17.44 17.76
C LEU A 55 -6.75 17.36 17.78
N ALA A 56 -7.32 16.29 17.26
CA ALA A 56 -8.76 16.16 17.34
C ALA A 56 -9.15 14.81 17.91
N SER A 57 -10.46 14.57 17.88
CA SER A 57 -11.08 13.27 18.13
C SER A 57 -10.45 12.17 17.20
N GLY A 58 -10.38 10.94 17.68
CA GLY A 58 -9.86 9.84 16.90
C GLY A 58 -8.47 9.43 17.33
N VAL A 59 -7.63 10.38 17.79
CA VAL A 59 -6.24 10.10 18.17
C VAL A 59 -6.12 9.95 19.68
N PRO A 60 -5.52 8.87 20.21
CA PRO A 60 -4.82 8.94 21.47
C PRO A 60 -3.64 9.90 21.50
N ALA A 61 -3.43 10.30 22.75
CA ALA A 61 -2.52 11.34 23.17
C ALA A 61 -1.08 10.88 23.28
N ARG A 62 -0.57 10.59 22.13
CA ARG A 62 0.85 10.30 22.06
C ARG A 62 1.40 11.51 21.33
N PHE A 63 0.64 12.60 21.13
CA PHE A 63 0.91 13.49 20.02
C PHE A 63 1.05 15.01 20.04
N SER A 64 1.71 15.78 20.91
CA SER A 64 1.60 17.25 20.80
C SER A 64 2.41 18.02 19.72
N GLY A 65 1.76 18.86 18.92
CA GLY A 65 2.42 19.73 17.93
C GLY A 65 2.65 21.12 18.48
N SER A 66 3.41 22.00 17.81
CA SER A 66 3.70 23.37 18.28
C SER A 66 4.89 23.96 17.54
N GLY A 67 5.18 25.24 17.80
CA GLY A 67 6.17 26.03 17.09
C GLY A 67 5.56 27.40 16.69
N SER A 68 6.37 28.26 16.08
CA SER A 68 6.01 29.62 15.68
C SER A 68 6.76 29.87 14.37
N GLY A 69 6.00 30.09 13.27
CA GLY A 69 6.49 30.43 11.94
C GLY A 69 7.37 29.42 11.19
N THR A 70 8.49 29.01 11.78
CA THR A 70 9.54 28.29 11.12
C THR A 70 9.87 26.85 11.51
N SER A 71 9.42 26.35 12.67
CA SER A 71 9.69 24.97 13.12
C SER A 71 8.42 24.49 13.83
N TYR A 72 8.11 23.18 13.66
CA TYR A 72 6.92 22.59 14.26
C TYR A 72 7.19 21.16 14.71
N SER A 73 6.81 20.89 15.96
CA SER A 73 7.02 19.60 16.59
C SER A 73 5.82 18.68 16.50
N LEU A 74 6.10 17.48 16.92
CA LEU A 74 5.09 16.47 17.04
C LEU A 74 5.87 15.65 18.05
N THR A 75 5.39 15.64 19.28
CA THR A 75 5.98 14.88 20.35
C THR A 75 5.25 13.56 20.29
N ILE A 76 5.83 12.46 19.85
CA ILE A 76 5.22 11.14 19.97
C ILE A 76 5.96 10.59 21.19
N SER A 77 5.41 10.89 22.37
CA SER A 77 5.97 10.54 23.67
C SER A 77 6.24 9.08 23.95
N SER A 78 5.36 8.27 23.39
CA SER A 78 5.39 6.84 23.55
C SER A 78 4.80 6.36 22.24
N VAL A 79 5.36 5.27 21.64
CA VAL A 79 4.97 4.67 20.35
C VAL A 79 4.44 3.26 20.58
N GLU A 80 3.43 2.81 19.87
CA GLU A 80 3.00 1.40 19.88
C GLU A 80 3.26 0.89 18.45
N ALA A 81 3.27 -0.41 18.06
CA ALA A 81 3.65 -0.89 16.69
C ALA A 81 3.12 -0.15 15.49
N GLU A 82 1.93 0.49 15.74
CA GLU A 82 1.22 1.40 14.83
C GLU A 82 1.31 2.87 15.28
N ASP A 83 2.56 3.16 15.00
CA ASP A 83 3.09 4.50 14.84
C ASP A 83 4.07 4.25 13.66
N ALA A 84 4.00 3.06 13.03
CA ALA A 84 4.88 2.65 11.94
C ALA A 84 4.27 3.17 10.66
N ALA A 85 4.88 4.17 10.01
CA ALA A 85 4.22 4.92 8.92
C ALA A 85 5.06 6.00 8.19
N THR A 86 4.44 7.09 7.67
CA THR A 86 5.15 8.25 7.19
C THR A 86 4.33 9.44 7.70
N TYR A 87 5.02 10.50 8.12
CA TYR A 87 4.43 11.71 8.72
C TYR A 87 5.07 12.92 8.07
N TYR A 88 4.17 13.55 7.36
CA TYR A 88 4.43 14.72 6.51
C TYR A 88 3.56 15.86 7.05
N CYS A 89 3.94 17.10 6.77
CA CYS A 89 3.16 18.25 7.18
C CYS A 89 2.80 19.18 6.04
N GLN A 90 1.93 20.18 6.25
CA GLN A 90 1.45 21.10 5.20
C GLN A 90 1.25 22.53 5.67
N GLN A 91 1.26 23.57 4.81
CA GLN A 91 1.01 24.95 5.27
C GLN A 91 0.30 26.01 4.42
N TYR A 92 0.85 27.22 4.28
CA TYR A 92 0.30 28.41 3.62
C TYR A 92 0.97 28.88 2.33
N SER A 93 2.18 29.43 2.54
CA SER A 93 2.93 30.32 1.66
C SER A 93 2.17 31.65 1.57
N GLY A 94 0.89 31.70 1.97
CA GLY A 94 -0.04 32.77 1.61
C GLY A 94 -0.49 32.49 0.18
N TYR A 95 -0.90 31.21 -0.06
CA TYR A 95 -1.36 30.54 -1.31
C TYR A 95 -0.33 30.51 -2.45
N PRO A 96 0.15 29.43 -3.13
CA PRO A 96 -0.20 28.01 -3.01
C PRO A 96 0.35 27.14 -1.89
N LEU A 97 -0.41 26.07 -1.65
CA LEU A 97 -0.24 25.14 -0.54
C LEU A 97 0.66 24.00 -0.96
N THR A 98 1.78 24.06 -0.29
CA THR A 98 2.85 23.06 -0.34
C THR A 98 2.52 22.05 0.75
N PHE A 99 3.17 20.92 0.62
CA PHE A 99 3.17 19.86 1.59
C PHE A 99 4.65 19.68 1.84
N GLY A 100 5.04 18.57 2.45
CA GLY A 100 6.42 18.23 2.68
C GLY A 100 6.65 16.75 2.45
N ALA A 101 7.93 16.49 2.35
CA ALA A 101 8.40 15.14 2.22
C ALA A 101 8.45 14.67 3.67
N GLY A 102 7.73 13.59 3.94
CA GLY A 102 7.59 13.08 5.29
C GLY A 102 8.56 12.06 5.83
N THR A 103 8.57 12.14 7.16
CA THR A 103 9.37 11.31 8.06
C THR A 103 8.81 9.90 8.34
N LYS A 104 9.64 8.89 8.14
CA LYS A 104 9.26 7.50 8.36
C LYS A 104 9.74 6.98 9.72
N LEU A 105 8.91 6.20 10.39
CA LEU A 105 9.29 5.67 11.68
C LEU A 105 9.32 4.16 11.46
N GLU A 106 10.13 3.36 12.14
CA GLU A 106 10.19 1.89 11.98
C GLU A 106 10.22 1.30 13.37
N LEU A 107 9.13 0.83 13.99
CA LEU A 107 9.15 0.41 15.40
C LEU A 107 10.05 -0.77 15.64
N LYS A 108 10.87 -0.63 16.69
CA LYS A 108 11.76 -1.72 17.05
C LYS A 108 11.17 -2.57 18.15
N ARG A 109 11.65 -3.80 18.08
CA ARG A 109 11.36 -4.79 19.08
C ARG A 109 12.35 -5.95 18.98
N ALA A 110 12.33 -6.68 20.11
CA ALA A 110 13.08 -7.92 20.33
C ALA A 110 12.90 -8.90 19.16
N ASP A 111 13.95 -9.59 18.63
CA ASP A 111 13.81 -10.35 17.36
C ASP A 111 13.04 -11.65 17.44
N ALA A 112 12.60 -12.10 16.26
CA ALA A 112 11.94 -13.38 16.15
C ALA A 112 12.52 -14.09 14.91
N ALA A 113 12.48 -15.42 14.84
CA ALA A 113 13.11 -16.22 13.80
C ALA A 113 12.04 -16.70 12.85
N PRO A 114 12.27 -16.81 11.54
CA PRO A 114 11.23 -16.97 10.52
C PRO A 114 10.54 -18.33 10.41
N THR A 115 9.23 -18.27 10.11
CA THR A 115 8.42 -19.47 9.90
C THR A 115 8.27 -19.68 8.37
N VAL A 116 9.18 -20.42 7.74
CA VAL A 116 9.03 -20.70 6.31
C VAL A 116 7.97 -21.79 6.22
N SER A 117 7.18 -21.87 5.16
CA SER A 117 6.26 -22.96 4.94
C SER A 117 6.03 -22.99 3.46
N ILE A 118 6.12 -24.19 2.87
CA ILE A 118 6.00 -24.39 1.44
C ILE A 118 4.66 -24.99 0.96
N PHE A 119 4.26 -24.42 -0.19
CA PHE A 119 3.08 -24.84 -0.93
C PHE A 119 3.46 -25.27 -2.35
N PRO A 120 3.40 -26.57 -2.75
CA PRO A 120 3.57 -27.07 -4.13
C PRO A 120 2.52 -26.62 -5.18
N PRO A 121 3.01 -26.29 -6.39
CA PRO A 121 2.48 -25.22 -7.18
C PRO A 121 1.16 -25.43 -7.93
N SER A 122 0.07 -25.89 -7.30
CA SER A 122 -1.28 -25.80 -7.85
C SER A 122 -1.68 -26.51 -9.15
N SER A 123 -2.88 -27.11 -9.05
CA SER A 123 -3.60 -27.85 -10.08
C SER A 123 -3.75 -27.06 -11.40
N GLU A 124 -4.40 -25.89 -11.30
CA GLU A 124 -4.59 -25.01 -12.43
C GLU A 124 -3.31 -24.34 -12.89
N GLN A 125 -2.26 -24.25 -12.08
CA GLN A 125 -1.01 -23.74 -12.63
C GLN A 125 -0.51 -24.75 -13.63
N LEU A 126 -0.24 -26.00 -13.19
CA LEU A 126 0.37 -26.99 -14.05
C LEU A 126 -0.47 -27.40 -15.22
N THR A 127 -1.75 -27.72 -15.02
CA THR A 127 -2.57 -28.13 -16.16
C THR A 127 -2.50 -27.12 -17.30
N SER A 128 -2.14 -25.88 -16.94
CA SER A 128 -2.15 -24.78 -17.87
C SER A 128 -0.83 -24.01 -18.08
N GLY A 129 0.35 -24.55 -17.71
CA GLY A 129 1.56 -23.77 -17.96
C GLY A 129 2.77 -23.99 -17.08
N GLY A 130 2.89 -23.48 -15.87
CA GLY A 130 4.16 -23.53 -15.17
C GLY A 130 4.06 -23.40 -13.66
N ALA A 131 5.16 -23.44 -12.95
CA ALA A 131 5.05 -23.56 -11.52
C ALA A 131 5.76 -22.56 -10.65
N SER A 132 4.91 -21.86 -9.94
CA SER A 132 5.30 -20.87 -8.98
C SER A 132 5.26 -21.54 -7.61
N VAL A 133 6.46 -21.95 -7.27
CA VAL A 133 6.65 -22.59 -5.99
C VAL A 133 6.84 -21.30 -5.20
N VAL A 134 5.88 -21.07 -4.32
CA VAL A 134 5.89 -19.94 -3.44
C VAL A 134 6.04 -20.42 -1.98
N CYS A 135 6.90 -19.68 -1.29
CA CYS A 135 7.35 -19.94 0.06
C CYS A 135 7.27 -18.64 0.80
N PHE A 136 6.48 -18.67 1.87
CA PHE A 136 6.23 -17.49 2.70
C PHE A 136 6.98 -17.56 4.04
N LEU A 137 7.72 -16.51 4.30
CA LEU A 137 8.45 -16.33 5.50
C LEU A 137 7.57 -15.30 6.15
N ASN A 138 7.02 -15.73 7.27
CA ASN A 138 6.09 -14.95 8.03
C ASN A 138 6.53 -14.79 9.45
N ASN A 139 6.24 -13.55 9.85
CA ASN A 139 6.43 -12.83 11.11
C ASN A 139 7.77 -12.65 11.88
N PHE A 140 8.67 -11.88 11.28
CA PHE A 140 10.01 -11.70 11.80
C PHE A 140 10.43 -10.26 12.06
N TYR A 141 11.47 -10.13 12.86
CA TYR A 141 12.22 -8.91 13.03
C TYR A 141 13.67 -9.40 13.17
N PRO A 142 14.83 -8.81 12.67
CA PRO A 142 15.00 -7.58 11.87
C PRO A 142 14.81 -7.86 10.39
N LYS A 143 14.12 -7.04 9.59
CA LYS A 143 13.95 -7.40 8.20
C LYS A 143 15.25 -7.31 7.43
N ASP A 144 15.75 -8.51 7.20
CA ASP A 144 16.96 -8.83 6.45
C ASP A 144 16.94 -10.35 6.50
N ILE A 145 17.26 -10.95 5.37
CA ILE A 145 17.23 -12.38 5.17
C ILE A 145 18.03 -12.49 3.89
N ASN A 146 18.22 -13.73 3.48
CA ASN A 146 18.75 -14.09 2.17
C ASN A 146 18.03 -15.38 1.83
N VAL A 147 17.12 -15.28 0.87
CA VAL A 147 16.31 -16.40 0.48
C VAL A 147 16.73 -16.70 -0.99
N LYS A 148 17.26 -17.93 -0.95
CA LYS A 148 17.83 -18.66 -2.05
C LYS A 148 17.03 -19.97 -2.16
N TRP A 149 17.37 -20.86 -3.11
CA TRP A 149 16.64 -22.11 -3.38
C TRP A 149 17.57 -23.31 -3.57
N LYS A 150 17.08 -24.55 -3.53
CA LYS A 150 17.85 -25.76 -3.75
C LYS A 150 17.05 -26.25 -4.91
N ILE A 151 17.52 -26.04 -6.15
CA ILE A 151 16.69 -26.49 -7.27
C ILE A 151 16.64 -28.00 -7.35
N ASP A 152 17.85 -28.56 -7.34
CA ASP A 152 18.25 -29.97 -7.26
C ASP A 152 19.67 -29.72 -6.67
N GLY A 153 20.07 -30.30 -5.52
CA GLY A 153 21.38 -30.00 -4.93
C GLY A 153 21.25 -28.67 -4.18
N SER A 154 21.42 -27.53 -4.86
CA SER A 154 21.19 -26.13 -4.40
C SER A 154 21.46 -25.30 -5.69
N GLU A 155 21.04 -25.84 -6.88
CA GLU A 155 21.28 -25.21 -8.19
C GLU A 155 20.92 -23.74 -8.23
N ARG A 156 21.87 -23.05 -8.82
CA ARG A 156 21.75 -21.63 -8.91
C ARG A 156 21.00 -21.22 -10.15
N GLN A 157 19.68 -21.28 -9.98
CA GLN A 157 18.86 -20.72 -11.01
C GLN A 157 18.73 -19.21 -10.73
N ASN A 158 18.01 -18.65 -11.72
CA ASN A 158 17.67 -17.22 -11.92
C ASN A 158 16.17 -17.25 -12.35
N GLY A 159 15.43 -16.12 -12.41
CA GLY A 159 14.00 -16.06 -12.72
C GLY A 159 13.17 -16.24 -11.45
N VAL A 160 13.64 -15.66 -10.34
CA VAL A 160 13.13 -15.91 -9.00
C VAL A 160 12.47 -14.65 -8.44
N LEU A 161 11.26 -14.69 -7.90
CA LEU A 161 10.57 -13.48 -7.49
C LEU A 161 10.64 -13.32 -5.99
N ASN A 162 10.32 -12.09 -5.54
CA ASN A 162 10.35 -11.60 -4.15
C ASN A 162 9.28 -10.52 -3.88
N SER A 163 8.73 -10.49 -2.66
CA SER A 163 7.81 -9.47 -2.22
C SER A 163 7.95 -9.27 -0.69
N TRP A 164 8.41 -8.15 -0.10
CA TRP A 164 8.30 -7.94 1.35
C TRP A 164 6.98 -7.20 1.66
N THR A 165 6.60 -7.27 2.93
CA THR A 165 5.41 -6.61 3.42
C THR A 165 5.74 -5.27 4.11
N ASP A 166 4.64 -4.68 4.62
CA ASP A 166 4.57 -3.43 5.35
C ASP A 166 5.04 -3.70 6.78
N GLN A 167 5.33 -2.76 7.68
CA GLN A 167 5.63 -3.12 9.08
C GLN A 167 4.29 -3.33 9.74
N ASP A 168 4.06 -4.42 10.43
CA ASP A 168 2.75 -4.69 10.97
C ASP A 168 2.36 -3.81 12.16
N SER A 169 1.06 -3.59 12.30
CA SER A 169 0.57 -2.64 13.28
C SER A 169 0.33 -3.11 14.71
N LYS A 170 0.57 -4.39 14.86
CA LYS A 170 0.25 -5.12 16.06
C LYS A 170 1.57 -5.65 16.59
N ASP A 171 2.18 -6.57 15.89
CA ASP A 171 3.49 -7.09 16.24
C ASP A 171 4.36 -6.26 15.29
N SER A 172 5.41 -5.52 15.65
CA SER A 172 6.19 -4.75 14.69
C SER A 172 7.08 -5.65 13.83
N THR A 173 6.36 -6.41 13.04
CA THR A 173 6.86 -7.49 12.24
C THR A 173 6.96 -6.96 10.83
N TYR A 174 7.59 -7.75 9.98
CA TYR A 174 7.65 -7.62 8.54
C TYR A 174 7.49 -9.07 8.10
N SER A 175 7.08 -9.40 6.88
CA SER A 175 7.10 -10.78 6.39
C SER A 175 7.35 -10.70 4.89
N MET A 176 7.73 -11.77 4.20
CA MET A 176 7.99 -11.72 2.76
C MET A 176 7.85 -13.09 2.13
N SER A 177 7.71 -13.18 0.80
CA SER A 177 7.51 -14.40 0.04
C SER A 177 8.40 -14.56 -1.20
N SER A 178 8.77 -15.79 -1.64
CA SER A 178 9.61 -16.04 -2.80
C SER A 178 8.91 -16.96 -3.80
N THR A 179 9.15 -16.81 -5.10
CA THR A 179 8.59 -17.67 -6.15
C THR A 179 9.59 -18.10 -7.22
N LEU A 180 9.76 -19.40 -7.44
CA LEU A 180 10.65 -19.85 -8.48
C LEU A 180 9.69 -19.97 -9.64
N THR A 181 9.98 -19.43 -10.83
CA THR A 181 9.06 -19.48 -11.98
C THR A 181 9.62 -20.32 -13.12
N LEU A 182 8.95 -21.39 -13.54
CA LEU A 182 9.57 -22.37 -14.45
C LEU A 182 8.54 -23.18 -15.23
N THR A 183 8.96 -23.65 -16.39
CA THR A 183 8.11 -24.43 -17.29
C THR A 183 7.69 -25.76 -16.70
N LYS A 184 6.48 -26.29 -17.00
CA LYS A 184 6.14 -27.69 -16.72
C LYS A 184 7.29 -28.59 -17.20
N ASP A 185 7.89 -28.09 -18.28
CA ASP A 185 9.03 -28.60 -19.03
C ASP A 185 10.35 -28.18 -18.41
N GLU A 186 10.31 -28.25 -17.08
CA GLU A 186 11.42 -28.21 -16.15
C GLU A 186 10.80 -28.62 -14.82
N TYR A 187 9.69 -28.07 -14.27
CA TYR A 187 9.16 -28.57 -12.99
C TYR A 187 8.91 -30.04 -13.11
N GLU A 188 8.24 -30.62 -14.10
CA GLU A 188 8.11 -32.07 -14.09
C GLU A 188 9.41 -32.72 -14.62
N ARG A 189 10.57 -32.27 -14.16
CA ARG A 189 11.85 -32.81 -14.59
C ARG A 189 12.96 -32.74 -13.54
N HIS A 190 12.90 -31.90 -12.50
CA HIS A 190 14.01 -31.82 -11.56
C HIS A 190 13.92 -32.40 -10.13
N ASN A 191 12.78 -32.91 -9.63
CA ASN A 191 12.60 -33.66 -8.36
C ASN A 191 12.62 -33.09 -6.93
N SER A 192 13.66 -32.45 -6.39
CA SER A 192 13.74 -32.07 -4.97
C SER A 192 14.08 -30.60 -4.65
N TYR A 193 13.04 -29.78 -4.48
CA TYR A 193 13.17 -28.32 -4.37
C TYR A 193 12.94 -27.70 -2.96
N THR A 194 13.83 -26.79 -2.48
CA THR A 194 13.85 -26.24 -1.10
C THR A 194 13.96 -24.73 -1.01
N CYS A 195 13.21 -23.97 -0.22
CA CYS A 195 13.55 -22.56 -0.07
C CYS A 195 14.48 -22.50 1.11
N GLU A 196 15.62 -21.91 0.86
CA GLU A 196 16.68 -21.84 1.84
C GLU A 196 16.64 -20.39 2.34
N ALA A 197 16.53 -20.24 3.66
CA ALA A 197 16.50 -18.93 4.27
C ALA A 197 17.65 -18.79 5.22
N THR A 198 18.33 -17.65 5.28
CA THR A 198 19.45 -17.34 6.17
C THR A 198 19.02 -16.14 7.03
N HIS A 199 19.16 -15.96 8.35
CA HIS A 199 18.74 -14.76 9.09
C HIS A 199 19.52 -14.78 10.38
N LYS A 200 19.90 -13.69 11.04
CA LYS A 200 20.66 -13.72 12.28
C LYS A 200 20.01 -14.37 13.52
N THR A 201 18.84 -14.98 13.43
CA THR A 201 18.19 -15.62 14.57
C THR A 201 18.59 -17.08 14.74
N SER A 202 19.06 -17.70 13.65
CA SER A 202 19.45 -19.08 13.70
C SER A 202 20.84 -19.09 13.12
N THR A 203 21.49 -20.11 13.62
CA THR A 203 22.83 -20.44 13.23
C THR A 203 22.76 -21.09 11.85
N SER A 204 21.72 -21.90 11.67
CA SER A 204 21.50 -22.56 10.41
C SER A 204 20.79 -21.62 9.44
N PRO A 205 20.92 -21.79 8.12
CA PRO A 205 19.86 -21.39 7.21
C PRO A 205 18.69 -22.34 7.38
N ILE A 206 17.41 -22.00 7.40
CA ILE A 206 16.42 -23.07 7.48
C ILE A 206 15.93 -23.43 6.08
N VAL A 207 15.96 -24.77 5.96
CA VAL A 207 15.73 -25.53 4.74
C VAL A 207 14.42 -26.37 4.72
N LYS A 208 13.21 -25.96 4.25
CA LYS A 208 12.01 -26.81 4.28
C LYS A 208 11.79 -27.30 2.86
N SER A 209 11.93 -28.61 2.78
CA SER A 209 11.97 -29.30 1.54
C SER A 209 10.65 -29.88 1.11
N PHE A 210 10.83 -30.36 -0.12
CA PHE A 210 9.86 -31.06 -0.93
C PHE A 210 10.53 -31.70 -2.19
N ASN A 211 9.94 -32.84 -2.44
CA ASN A 211 10.31 -33.74 -3.49
C ASN A 211 8.96 -34.41 -3.78
N ARG A 212 8.59 -34.49 -5.05
CA ARG A 212 7.29 -34.90 -5.59
C ARG A 212 6.14 -35.62 -4.84
N ASN A 213 5.90 -35.24 -3.57
CA ASN A 213 4.79 -35.73 -2.73
C ASN A 213 3.88 -34.48 -2.47
N GLU A 214 2.58 -34.78 -2.62
CA GLU A 214 1.43 -33.89 -2.67
C GLU A 214 1.31 -33.47 -4.15
N CYS A 215 0.03 -33.33 -4.65
CA CYS A 215 -0.35 -33.06 -6.05
C CYS A 215 -0.66 -31.63 -6.64
N ASP B 1 -25.25 10.00 5.54
CA ASP B 1 -23.81 9.78 5.66
C ASP B 1 -23.00 10.90 4.92
N VAL B 2 -21.67 10.99 4.99
CA VAL B 2 -20.83 11.82 4.11
C VAL B 2 -19.73 10.92 3.48
N GLN B 3 -19.08 11.45 2.41
CA GLN B 3 -18.13 10.77 1.56
C GLN B 3 -17.77 11.72 0.44
N LEU B 4 -16.57 11.47 -0.07
CA LEU B 4 -15.99 12.07 -1.26
C LEU B 4 -15.79 10.77 -2.07
N GLN B 5 -16.63 10.57 -3.10
CA GLN B 5 -16.64 9.40 -3.97
C GLN B 5 -15.78 9.62 -5.23
N GLN B 6 -14.74 8.85 -5.44
CA GLN B 6 -13.88 8.92 -6.61
C GLN B 6 -13.76 7.55 -7.25
N SER B 7 -13.68 7.54 -8.57
CA SER B 7 -13.56 6.30 -9.28
C SER B 7 -12.39 6.32 -10.27
N GLY B 8 -11.48 5.38 -9.98
CA GLY B 8 -10.28 5.06 -10.72
C GLY B 8 -10.16 3.54 -10.63
N PRO B 9 -9.21 2.79 -11.21
CA PRO B 9 -8.12 3.29 -12.06
C PRO B 9 -8.27 3.18 -13.59
N GLU B 10 -7.69 4.14 -14.31
CA GLU B 10 -7.67 4.09 -15.75
C GLU B 10 -6.21 3.94 -16.10
N LEU B 11 -5.94 3.07 -17.07
CA LEU B 11 -4.64 2.84 -17.70
C LEU B 11 -4.72 3.46 -19.08
N GLU B 12 -3.91 4.44 -19.43
CA GLU B 12 -3.97 4.99 -20.77
C GLU B 12 -2.56 4.89 -21.35
N LYS B 13 -2.48 5.05 -22.64
CA LYS B 13 -1.24 5.06 -23.37
C LYS B 13 -0.66 6.47 -23.13
N PRO B 14 0.58 6.81 -23.44
CA PRO B 14 1.07 8.17 -23.34
C PRO B 14 0.42 9.11 -24.35
N GLY B 15 -0.33 10.17 -23.97
CA GLY B 15 -0.98 11.08 -24.94
C GLY B 15 -2.44 11.49 -24.62
N ALA B 16 -3.16 10.48 -24.13
CA ALA B 16 -4.57 10.49 -23.78
C ALA B 16 -4.94 11.29 -22.55
N SER B 17 -6.25 11.54 -22.35
CA SER B 17 -6.84 12.38 -21.28
C SER B 17 -7.73 11.64 -20.27
N VAL B 18 -7.26 11.39 -19.07
CA VAL B 18 -8.06 10.57 -18.21
C VAL B 18 -9.10 11.50 -17.64
N LYS B 19 -10.38 11.30 -18.03
CA LYS B 19 -11.48 12.06 -17.43
C LYS B 19 -11.87 11.50 -16.05
N ILE B 20 -11.39 12.17 -15.01
CA ILE B 20 -11.62 11.74 -13.64
C ILE B 20 -12.70 12.62 -12.94
N SER B 21 -13.25 12.06 -11.86
CA SER B 21 -14.35 12.62 -11.10
C SER B 21 -14.22 12.34 -9.62
N CYS B 22 -14.95 13.13 -8.85
CA CYS B 22 -15.14 12.98 -7.42
C CYS B 22 -16.56 13.47 -7.10
N LYS B 23 -17.33 12.87 -6.21
CA LYS B 23 -18.66 13.37 -5.90
C LYS B 23 -18.51 13.75 -4.46
N ALA B 24 -18.57 15.05 -4.17
CA ALA B 24 -18.63 15.44 -2.77
C ALA B 24 -20.09 15.10 -2.46
N SER B 25 -20.35 14.34 -1.40
CA SER B 25 -21.73 13.97 -1.08
C SER B 25 -21.96 14.04 0.42
N GLY B 26 -22.72 15.10 0.72
CA GLY B 26 -23.19 15.30 2.07
C GLY B 26 -23.15 16.63 2.80
N PHE B 27 -22.25 17.61 2.72
CA PHE B 27 -22.33 18.75 3.61
C PHE B 27 -22.79 19.91 2.76
N SER B 28 -22.74 21.13 3.23
CA SER B 28 -22.98 22.25 2.36
C SER B 28 -21.90 22.26 1.26
N LEU B 29 -22.41 22.42 0.05
CA LEU B 29 -21.59 22.64 -1.11
C LEU B 29 -21.14 24.13 -1.10
N PRO B 30 -21.96 25.25 -1.06
CA PRO B 30 -21.53 26.69 -0.96
C PRO B 30 -20.47 27.20 0.08
N GLY B 31 -19.16 26.94 -0.03
CA GLY B 31 -18.10 27.24 0.97
C GLY B 31 -17.38 25.91 1.21
N HIS B 32 -16.41 25.62 0.36
CA HIS B 32 -15.95 24.24 0.25
C HIS B 32 -15.02 24.28 -0.93
N ASN B 33 -13.95 23.54 -0.87
CA ASN B 33 -13.16 23.39 -2.02
C ASN B 33 -12.66 22.00 -1.91
N ILE B 34 -12.79 21.38 -3.06
CA ILE B 34 -12.30 20.05 -3.33
C ILE B 34 -10.98 20.31 -4.01
N ASN B 35 -9.99 20.09 -3.20
CA ASN B 35 -8.64 20.26 -3.67
C ASN B 35 -8.26 18.87 -4.11
N TRP B 36 -7.61 18.87 -5.25
CA TRP B 36 -7.12 17.65 -5.85
C TRP B 36 -5.63 17.73 -5.61
N ILE B 37 -5.29 16.91 -4.63
CA ILE B 37 -3.91 16.74 -4.19
C ILE B 37 -3.42 15.51 -4.98
N VAL B 38 -2.12 15.40 -5.22
CA VAL B 38 -1.50 14.33 -5.99
C VAL B 38 -0.34 13.84 -5.17
N GLN B 39 -0.31 12.50 -5.08
CA GLN B 39 0.68 11.70 -4.32
C GLN B 39 1.63 11.04 -5.29
N ARG B 40 2.94 11.20 -5.13
CA ARG B 40 3.91 10.64 -6.04
C ARG B 40 4.18 9.16 -5.84
N ASN B 41 4.58 8.51 -6.95
CA ASN B 41 4.91 7.08 -6.98
C ASN B 41 6.17 6.95 -6.13
N GLY B 42 6.13 6.14 -5.07
CA GLY B 42 7.23 6.04 -4.13
C GLY B 42 7.75 7.40 -3.58
N LYS B 43 6.99 8.51 -3.67
CA LYS B 43 7.54 9.81 -3.22
C LYS B 43 6.68 10.71 -2.27
N SER B 44 6.31 11.95 -2.65
CA SER B 44 5.66 12.89 -1.76
C SER B 44 4.40 13.39 -2.38
N LEU B 45 3.71 14.18 -1.60
CA LEU B 45 2.49 14.82 -1.99
C LEU B 45 2.79 16.21 -2.55
N GLU B 46 1.82 16.81 -3.25
CA GLU B 46 1.78 18.19 -3.77
C GLU B 46 0.35 18.53 -4.27
N TRP B 47 0.04 19.75 -4.68
CA TRP B 47 -1.33 20.23 -4.90
C TRP B 47 -1.47 20.90 -6.26
N ILE B 48 -2.66 20.72 -6.84
CA ILE B 48 -3.01 21.17 -8.18
C ILE B 48 -3.66 22.56 -8.21
N GLY B 49 -4.85 22.64 -7.61
CA GLY B 49 -5.64 23.85 -7.48
C GLY B 49 -6.96 23.42 -6.90
N ASN B 50 -7.96 24.25 -6.72
CA ASN B 50 -9.22 23.71 -6.20
C ASN B 50 -10.45 24.20 -6.96
N ILE B 51 -11.60 23.52 -6.83
CA ILE B 51 -12.83 23.92 -7.52
C ILE B 51 -14.05 24.02 -6.61
N ASP B 52 -14.68 25.20 -6.60
CA ASP B 52 -15.91 25.53 -5.87
C ASP B 52 -17.07 24.63 -6.30
N PRO B 53 -17.63 23.75 -5.46
CA PRO B 53 -18.92 23.07 -5.66
C PRO B 53 -20.20 23.91 -5.81
N TYR B 54 -20.26 24.96 -6.63
CA TYR B 54 -21.44 25.81 -6.76
C TYR B 54 -21.19 26.81 -7.90
N TYR B 55 -20.23 27.74 -7.71
CA TYR B 55 -19.79 28.71 -8.72
C TYR B 55 -18.49 28.16 -9.28
N GLY B 56 -17.68 28.75 -10.14
CA GLY B 56 -16.59 27.99 -10.76
C GLY B 56 -15.13 28.29 -10.40
N GLY B 57 -14.91 28.53 -9.11
CA GLY B 57 -13.62 28.94 -8.62
C GLY B 57 -12.51 27.96 -8.94
N THR B 58 -11.42 28.55 -9.38
CA THR B 58 -10.21 27.81 -9.57
C THR B 58 -9.06 28.70 -9.13
N ASN B 59 -8.52 28.32 -8.00
CA ASN B 59 -7.35 28.93 -7.40
C ASN B 59 -6.34 27.92 -7.99
N PHE B 60 -5.21 28.21 -8.65
CA PHE B 60 -4.36 27.18 -9.31
C PHE B 60 -2.84 27.19 -9.03
N ASN B 61 -2.17 26.04 -9.08
CA ASN B 61 -0.72 26.00 -8.86
C ASN B 61 0.01 26.58 -10.08
N PRO B 62 0.91 27.55 -9.94
CA PRO B 62 1.81 28.04 -10.98
C PRO B 62 2.81 27.06 -11.58
N LYS B 63 2.21 25.99 -12.09
CA LYS B 63 2.79 24.86 -12.82
C LYS B 63 1.55 24.13 -13.30
N PHE B 64 0.58 23.81 -12.44
CA PHE B 64 -0.57 23.07 -12.92
C PHE B 64 -1.64 24.01 -13.45
N LYS B 65 -1.37 24.19 -14.74
CA LYS B 65 -2.15 24.99 -15.66
C LYS B 65 -1.98 24.17 -16.96
N GLY B 66 -3.04 23.91 -17.76
CA GLY B 66 -2.93 23.12 -18.99
C GLY B 66 -3.25 21.63 -18.81
N LYS B 67 -2.79 20.93 -17.77
CA LYS B 67 -3.13 19.52 -17.48
C LYS B 67 -4.20 19.60 -16.38
N ALA B 68 -5.04 20.63 -16.39
CA ALA B 68 -5.89 20.90 -15.23
C ALA B 68 -7.07 21.81 -15.53
N THR B 69 -8.12 21.04 -15.66
CA THR B 69 -9.46 21.53 -15.89
C THR B 69 -10.20 20.88 -14.73
N LEU B 70 -10.45 21.62 -13.67
CA LEU B 70 -11.17 21.12 -12.52
C LEU B 70 -12.61 21.56 -12.70
N THR B 71 -13.67 20.74 -12.75
CA THR B 71 -14.98 21.35 -12.95
C THR B 71 -16.20 20.70 -12.30
N VAL B 72 -17.06 21.56 -11.72
CA VAL B 72 -18.31 21.12 -11.07
C VAL B 72 -19.39 21.45 -12.08
N ASP B 73 -20.39 20.58 -12.11
CA ASP B 73 -21.57 20.82 -12.93
C ASP B 73 -22.60 21.10 -11.83
N LYS B 74 -23.63 21.89 -12.21
CA LYS B 74 -24.64 22.30 -11.24
C LYS B 74 -25.48 21.11 -10.80
N SER B 75 -26.59 20.76 -11.46
CA SER B 75 -27.49 19.66 -11.08
C SER B 75 -27.22 18.87 -9.74
N SER B 76 -26.31 17.90 -10.03
CA SER B 76 -25.82 16.95 -9.10
C SER B 76 -24.34 17.18 -9.06
N SER B 77 -24.14 18.18 -8.22
CA SER B 77 -22.97 18.26 -7.34
C SER B 77 -21.49 17.81 -7.62
N THR B 78 -21.11 17.35 -8.82
CA THR B 78 -19.87 16.57 -9.01
C THR B 78 -18.58 17.31 -9.40
N LEU B 79 -17.38 16.98 -8.94
CA LEU B 79 -16.19 17.75 -9.23
C LEU B 79 -15.35 16.92 -10.18
N TYR B 80 -14.85 17.54 -11.24
CA TYR B 80 -14.10 16.86 -12.28
C TYR B 80 -12.66 17.32 -12.38
N MET B 81 -11.83 16.53 -13.05
CA MET B 81 -10.46 16.91 -13.30
C MET B 81 -10.12 16.26 -14.63
N HIS B 82 -9.42 16.95 -15.53
CA HIS B 82 -9.09 16.38 -16.82
C HIS B 82 -7.72 16.85 -17.19
N LEU B 83 -6.83 15.85 -17.19
CA LEU B 83 -5.42 16.03 -17.51
C LEU B 83 -5.17 15.46 -18.90
N THR B 84 -4.26 16.10 -19.61
CA THR B 84 -4.03 15.84 -21.01
C THR B 84 -2.55 15.73 -21.16
N SER B 85 -2.07 15.12 -22.24
CA SER B 85 -0.65 14.86 -22.48
C SER B 85 -0.06 14.04 -21.37
N LEU B 86 -0.85 13.02 -21.00
CA LEU B 86 -0.49 12.04 -19.97
C LEU B 86 0.76 11.38 -20.49
N GLN B 87 1.67 11.59 -19.56
CA GLN B 87 3.07 11.25 -19.71
C GLN B 87 3.43 10.56 -18.42
N SER B 88 4.21 9.51 -18.64
CA SER B 88 4.72 8.54 -17.70
C SER B 88 4.93 8.85 -16.24
N GLU B 89 4.95 10.10 -15.76
CA GLU B 89 5.09 10.37 -14.35
C GLU B 89 3.81 10.90 -13.66
N ASP B 90 2.73 11.09 -14.43
CA ASP B 90 1.40 11.39 -13.90
C ASP B 90 0.84 10.06 -13.33
N SER B 91 1.58 8.97 -13.59
CA SER B 91 1.35 7.60 -13.18
C SER B 91 1.46 7.54 -11.67
N ALA B 92 0.40 7.99 -10.99
CA ALA B 92 0.34 8.05 -9.54
C ALA B 92 -1.13 7.98 -9.12
N VAL B 93 -1.53 8.36 -7.88
CA VAL B 93 -2.93 8.37 -7.43
C VAL B 93 -3.44 9.83 -7.26
N TYR B 94 -4.75 10.06 -7.10
CA TYR B 94 -5.36 11.37 -7.02
C TYR B 94 -6.35 11.56 -5.84
N TYR B 95 -6.62 12.76 -5.29
CA TYR B 95 -7.54 12.91 -4.16
C TYR B 95 -8.57 14.03 -4.32
N CYS B 96 -9.57 14.06 -3.45
CA CYS B 96 -10.64 15.05 -3.34
C CYS B 96 -10.57 15.31 -1.82
N ALA B 97 -10.81 16.48 -1.16
CA ALA B 97 -10.65 16.63 0.30
C ALA B 97 -11.58 17.64 0.99
N ARG B 98 -11.88 17.63 2.31
CA ARG B 98 -12.91 18.52 2.93
C ARG B 98 -12.83 19.26 4.30
N ARG B 99 -13.52 20.39 4.20
CA ARG B 99 -13.84 21.31 5.28
C ARG B 99 -15.08 21.10 6.14
N ARG B 100 -14.74 20.97 7.43
CA ARG B 100 -15.72 21.16 8.47
C ARG B 100 -15.26 22.55 8.90
N ASP B 101 -13.95 22.72 9.11
CA ASP B 101 -13.51 23.92 9.76
C ASP B 101 -12.62 24.91 9.05
N GLY B 102 -11.91 25.59 9.94
CA GLY B 102 -10.76 26.38 9.58
C GLY B 102 -9.59 25.50 9.98
N ASN B 103 -9.73 24.17 9.83
CA ASN B 103 -8.55 23.38 10.01
C ASN B 103 -7.81 23.32 8.66
N TYR B 104 -7.93 24.27 7.69
CA TYR B 104 -7.19 24.48 6.41
C TYR B 104 -6.20 23.43 5.89
N GLY B 105 -6.70 22.22 6.00
CA GLY B 105 -5.97 21.00 5.88
C GLY B 105 -7.06 20.09 6.38
N PHE B 106 -7.28 19.26 5.42
CA PHE B 106 -8.47 18.49 5.26
C PHE B 106 -8.54 17.27 6.13
N THR B 107 -9.70 17.04 6.69
CA THR B 107 -10.06 15.87 7.49
C THR B 107 -10.60 14.77 6.57
N TYR B 108 -11.59 15.19 5.79
CA TYR B 108 -12.38 14.30 4.95
C TYR B 108 -11.82 14.20 3.54
N TRP B 109 -10.86 13.30 3.30
CA TRP B 109 -10.30 13.06 1.97
C TRP B 109 -11.07 11.88 1.34
N GLY B 110 -10.85 11.72 0.05
CA GLY B 110 -11.55 10.69 -0.63
C GLY B 110 -10.71 9.43 -0.70
N GLN B 111 -11.16 8.65 -1.69
CA GLN B 111 -10.68 7.33 -2.01
C GLN B 111 -9.30 7.24 -2.69
N GLY B 112 -8.93 6.13 -3.32
CA GLY B 112 -7.74 6.03 -4.15
C GLY B 112 -8.11 6.13 -5.63
N THR B 113 -7.87 7.28 -6.23
CA THR B 113 -8.19 7.38 -7.65
C THR B 113 -6.85 7.01 -8.28
N LEU B 114 -6.65 5.88 -8.92
CA LEU B 114 -5.32 5.61 -9.40
C LEU B 114 -5.25 5.81 -10.92
N VAL B 115 -4.10 6.13 -11.50
CA VAL B 115 -3.91 6.26 -12.93
C VAL B 115 -2.52 5.65 -13.15
N THR B 116 -2.47 4.81 -14.19
CA THR B 116 -1.26 4.17 -14.67
C THR B 116 -1.19 4.69 -16.14
N VAL B 117 -0.03 5.00 -16.73
CA VAL B 117 0.05 5.58 -18.07
C VAL B 117 1.02 4.79 -18.96
N SER B 118 0.65 3.66 -19.57
CA SER B 118 1.59 2.97 -20.44
C SER B 118 0.99 2.01 -21.45
N ALA B 119 1.74 2.03 -22.54
CA ALA B 119 1.29 1.42 -23.76
C ALA B 119 1.52 -0.09 -23.84
N ALA B 120 1.02 -0.92 -22.88
CA ALA B 120 1.15 -2.38 -22.88
C ALA B 120 -0.27 -3.00 -22.73
N LYS B 121 -0.50 -4.21 -23.26
CA LYS B 121 -1.85 -4.82 -23.34
C LYS B 121 -2.37 -5.36 -22.00
N THR B 122 -3.71 -5.34 -21.79
CA THR B 122 -4.30 -5.81 -20.55
C THR B 122 -4.31 -7.32 -20.38
N THR B 123 -4.31 -7.67 -19.10
CA THR B 123 -4.21 -9.04 -18.73
C THR B 123 -5.12 -9.22 -17.56
N PRO B 124 -6.08 -10.11 -17.66
CA PRO B 124 -6.68 -10.73 -16.51
C PRO B 124 -5.68 -11.62 -15.76
N PRO B 125 -5.67 -11.57 -14.41
CA PRO B 125 -4.98 -12.47 -13.54
C PRO B 125 -5.35 -13.90 -13.81
N SER B 126 -4.50 -14.72 -13.23
CA SER B 126 -4.72 -16.15 -13.23
C SER B 126 -4.45 -16.53 -11.78
N VAL B 127 -5.56 -16.41 -11.02
CA VAL B 127 -5.70 -16.68 -9.59
C VAL B 127 -5.63 -18.19 -9.37
N TYR B 128 -4.81 -18.64 -8.43
CA TYR B 128 -4.55 -20.06 -8.23
C TYR B 128 -4.50 -20.47 -6.76
N PRO B 129 -4.94 -21.69 -6.41
CA PRO B 129 -4.89 -22.18 -5.04
C PRO B 129 -3.67 -23.06 -4.70
N LEU B 130 -3.02 -22.89 -3.57
CA LEU B 130 -1.87 -23.70 -3.24
C LEU B 130 -2.25 -24.55 -2.05
N ALA B 131 -1.82 -25.79 -2.11
CA ALA B 131 -2.03 -26.83 -1.08
C ALA B 131 -0.64 -27.07 -0.57
N PRO B 132 -0.35 -27.65 0.58
CA PRO B 132 1.02 -27.68 1.08
C PRO B 132 1.60 -29.10 1.08
N GLY B 133 0.94 -29.93 1.91
CA GLY B 133 1.17 -31.35 2.13
C GLY B 133 0.21 -31.78 3.24
N SER B 134 -0.41 -32.97 3.21
CA SER B 134 -1.33 -33.44 4.25
C SER B 134 -0.62 -33.62 5.61
N ALA B 135 -0.12 -32.58 6.32
CA ALA B 135 0.82 -32.79 7.44
C ALA B 135 0.69 -32.36 8.93
N ALA B 136 1.81 -32.30 9.66
CA ALA B 136 1.96 -31.79 11.02
C ALA B 136 3.15 -30.84 10.87
N GLN B 137 3.09 -29.63 11.43
CA GLN B 137 4.05 -28.53 11.17
C GLN B 137 4.23 -27.63 12.37
N THR B 138 5.45 -27.07 12.50
CA THR B 138 5.79 -25.95 13.40
C THR B 138 5.15 -25.88 14.80
N ASN B 139 3.86 -25.58 14.79
CA ASN B 139 3.02 -25.36 15.95
C ASN B 139 1.62 -25.71 15.46
N SER B 140 0.67 -26.33 16.18
CA SER B 140 -0.57 -26.76 15.56
C SER B 140 -1.57 -25.87 14.76
N MET B 141 -1.24 -24.69 14.17
CA MET B 141 -2.15 -23.81 13.42
C MET B 141 -1.61 -23.53 12.00
N VAL B 142 -2.37 -24.08 11.01
CA VAL B 142 -2.07 -24.14 9.56
C VAL B 142 -2.04 -22.94 8.57
N THR B 143 -1.03 -22.94 7.67
CA THR B 143 -0.90 -21.92 6.63
C THR B 143 -1.11 -22.50 5.22
N LEU B 144 -2.11 -21.78 4.60
CA LEU B 144 -2.69 -21.89 3.26
C LEU B 144 -2.30 -20.69 2.36
N GLY B 145 -2.06 -20.92 1.06
CA GLY B 145 -1.60 -19.85 0.18
C GLY B 145 -2.49 -19.62 -1.03
N CYS B 146 -2.64 -18.37 -1.49
CA CYS B 146 -3.29 -18.07 -2.76
C CYS B 146 -2.31 -17.12 -3.43
N LEU B 147 -2.17 -17.31 -4.75
CA LEU B 147 -1.31 -16.42 -5.50
C LEU B 147 -2.05 -16.01 -6.78
N VAL B 148 -1.56 -15.07 -7.55
CA VAL B 148 -2.27 -14.61 -8.71
C VAL B 148 -1.10 -14.39 -9.68
N LYS B 149 -0.99 -15.19 -10.74
CA LYS B 149 0.11 -15.07 -11.65
C LYS B 149 0.04 -13.71 -12.33
N GLY B 150 1.01 -13.37 -13.21
CA GLY B 150 1.05 -12.08 -13.90
C GLY B 150 -0.27 -11.61 -14.56
N TYR B 151 -0.56 -10.36 -14.30
CA TYR B 151 -1.72 -9.67 -14.79
C TYR B 151 -1.22 -8.29 -15.22
N PHE B 152 -2.08 -7.27 -15.47
CA PHE B 152 -1.67 -5.93 -15.92
C PHE B 152 -2.90 -5.02 -15.82
N PRO B 153 -2.93 -3.80 -15.22
CA PRO B 153 -1.82 -3.15 -14.54
C PRO B 153 -2.04 -3.46 -13.05
N GLU B 154 -1.29 -2.84 -12.13
CA GLU B 154 -1.62 -3.03 -10.73
C GLU B 154 -2.61 -1.87 -10.57
N PRO B 155 -3.76 -1.91 -9.89
CA PRO B 155 -4.29 -3.02 -9.14
C PRO B 155 -5.41 -3.96 -9.55
N VAL B 156 -5.33 -4.92 -8.65
CA VAL B 156 -6.11 -6.13 -8.45
C VAL B 156 -6.45 -6.00 -6.95
N THR B 157 -7.33 -6.80 -6.34
CA THR B 157 -7.60 -6.79 -4.89
C THR B 157 -7.80 -8.26 -4.50
N VAL B 158 -6.94 -8.90 -3.69
CA VAL B 158 -7.08 -10.30 -3.20
C VAL B 158 -7.75 -10.24 -1.81
N THR B 159 -8.69 -11.14 -1.53
CA THR B 159 -9.48 -11.12 -0.32
C THR B 159 -9.70 -12.57 0.14
N TRP B 160 -9.98 -12.87 1.41
CA TRP B 160 -10.11 -14.24 1.89
C TRP B 160 -11.34 -14.36 2.75
N ASN B 161 -12.31 -15.22 2.41
CA ASN B 161 -13.48 -15.52 3.25
C ASN B 161 -14.32 -14.36 3.73
N SER B 162 -14.07 -13.17 3.12
CA SER B 162 -14.66 -11.84 3.32
C SER B 162 -15.03 -11.21 4.70
N GLY B 163 -15.13 -12.04 5.75
CA GLY B 163 -15.64 -11.73 7.07
C GLY B 163 -15.17 -12.90 7.91
N SER B 164 -16.00 -13.89 8.28
CA SER B 164 -15.65 -15.12 9.03
C SER B 164 -14.21 -15.51 9.40
N LEU B 165 -13.31 -15.30 8.46
CA LEU B 165 -11.90 -15.57 8.57
C LEU B 165 -11.13 -14.52 7.82
N SER B 166 -10.87 -13.51 8.62
CA SER B 166 -9.92 -12.49 8.26
C SER B 166 -8.90 -13.02 9.24
N SER B 167 -8.09 -14.00 8.82
CA SER B 167 -7.06 -14.60 9.64
C SER B 167 -5.74 -13.76 9.52
N GLY B 168 -4.51 -14.33 9.59
CA GLY B 168 -3.24 -13.59 9.51
C GLY B 168 -2.96 -12.92 8.18
N VAL B 169 -3.71 -11.89 7.83
CA VAL B 169 -3.52 -11.22 6.58
C VAL B 169 -2.19 -10.46 6.49
N HIS B 170 -1.58 -10.85 5.38
CA HIS B 170 -0.35 -10.29 4.84
C HIS B 170 -0.45 -10.53 3.33
N THR B 171 -0.56 -9.43 2.63
CA THR B 171 -0.60 -9.51 1.20
C THR B 171 0.77 -8.96 0.86
N PHE B 172 1.40 -9.69 -0.06
CA PHE B 172 2.74 -9.40 -0.55
C PHE B 172 2.56 -8.59 -1.82
N PRO B 173 3.21 -7.44 -2.00
CA PRO B 173 3.50 -6.82 -3.29
C PRO B 173 3.89 -7.62 -4.52
N ALA B 174 4.11 -6.80 -5.53
CA ALA B 174 4.40 -7.27 -6.86
C ALA B 174 5.68 -6.69 -7.44
N VAL B 175 6.31 -7.41 -8.37
CA VAL B 175 7.36 -6.80 -9.18
C VAL B 175 6.59 -6.56 -10.48
N LEU B 176 7.10 -5.69 -11.37
CA LEU B 176 6.66 -5.71 -12.78
C LEU B 176 7.64 -6.82 -13.27
N GLN B 177 7.18 -8.03 -13.57
CA GLN B 177 8.16 -9.09 -13.71
C GLN B 177 8.87 -9.31 -15.03
N SER B 178 8.34 -8.55 -15.99
CA SER B 178 8.72 -8.55 -17.42
C SER B 178 7.93 -7.41 -18.11
N ASP B 179 6.67 -7.67 -17.82
CA ASP B 179 5.51 -6.88 -18.11
C ASP B 179 4.80 -7.34 -16.83
N LEU B 180 3.58 -7.84 -16.89
CA LEU B 180 2.87 -8.43 -15.79
C LEU B 180 3.35 -8.41 -14.35
N TYR B 181 2.47 -7.86 -13.55
CA TYR B 181 2.70 -7.68 -12.15
C TYR B 181 2.18 -8.94 -11.55
N THR B 182 2.67 -9.35 -10.38
CA THR B 182 2.41 -10.67 -9.84
C THR B 182 1.98 -10.63 -8.37
N LEU B 183 1.04 -11.38 -7.81
CA LEU B 183 0.74 -11.26 -6.39
C LEU B 183 0.79 -12.60 -5.67
N SER B 184 0.60 -12.58 -4.34
CA SER B 184 0.53 -13.70 -3.41
C SER B 184 -0.01 -13.11 -2.13
N SER B 185 -0.74 -13.90 -1.34
CA SER B 185 -1.45 -13.40 -0.17
C SER B 185 -1.56 -14.56 0.79
N SER B 186 -1.56 -14.24 2.10
CA SER B 186 -1.55 -15.25 3.15
C SER B 186 -2.58 -15.17 4.30
N VAL B 187 -2.54 -16.31 5.01
CA VAL B 187 -3.48 -16.67 6.05
C VAL B 187 -2.70 -17.60 7.00
N THR B 188 -3.38 -18.06 8.03
CA THR B 188 -2.93 -19.00 9.03
C THR B 188 -4.35 -19.27 9.53
N VAL B 189 -4.99 -20.37 9.25
CA VAL B 189 -6.34 -20.57 9.76
C VAL B 189 -6.23 -21.60 10.88
N PRO B 190 -6.98 -21.53 12.00
CA PRO B 190 -7.22 -22.69 12.87
C PRO B 190 -7.72 -23.98 12.18
N SER B 191 -6.85 -25.01 12.20
CA SER B 191 -7.02 -26.38 11.69
C SER B 191 -8.34 -27.14 12.00
N SER B 192 -9.38 -26.44 12.45
CA SER B 192 -10.70 -26.99 12.67
C SER B 192 -11.64 -26.05 11.89
N THR B 193 -11.41 -24.73 11.90
CA THR B 193 -12.20 -23.87 11.08
C THR B 193 -11.85 -24.30 9.67
N TRP B 194 -10.66 -24.75 9.32
CA TRP B 194 -10.48 -25.40 8.02
C TRP B 194 -10.20 -26.89 8.28
N PRO B 195 -10.55 -28.03 7.62
CA PRO B 195 -11.35 -28.16 6.38
C PRO B 195 -12.87 -28.14 6.47
N SER B 196 -13.47 -28.25 7.62
CA SER B 196 -14.91 -28.26 7.79
C SER B 196 -15.67 -27.02 7.28
N GLU B 197 -14.90 -25.94 7.21
CA GLU B 197 -15.36 -24.67 6.72
C GLU B 197 -14.24 -24.36 5.72
N THR B 198 -14.67 -24.40 4.46
CA THR B 198 -13.84 -24.11 3.29
C THR B 198 -13.42 -22.61 3.48
N VAL B 199 -12.16 -22.32 3.21
CA VAL B 199 -11.73 -20.96 3.39
C VAL B 199 -11.76 -20.44 1.97
N THR B 200 -12.11 -19.18 1.72
CA THR B 200 -12.26 -18.70 0.36
C THR B 200 -11.19 -17.67 0.03
N CYS B 201 -10.80 -17.40 -1.20
CA CYS B 201 -9.85 -16.38 -1.65
C CYS B 201 -10.74 -15.67 -2.63
N ASN B 202 -10.58 -14.39 -2.93
CA ASN B 202 -11.42 -13.71 -3.88
C ASN B 202 -10.56 -12.68 -4.62
N VAL B 203 -10.69 -12.23 -5.86
CA VAL B 203 -9.82 -11.26 -6.53
C VAL B 203 -10.70 -10.45 -7.46
N ALA B 204 -10.28 -9.22 -7.71
CA ALA B 204 -10.98 -8.37 -8.62
C ALA B 204 -9.91 -7.71 -9.40
N HIS B 205 -10.19 -7.36 -10.63
CA HIS B 205 -9.24 -6.59 -11.40
C HIS B 205 -10.15 -5.80 -12.32
N PRO B 206 -10.51 -4.58 -11.94
CA PRO B 206 -11.20 -3.60 -12.76
C PRO B 206 -10.89 -3.63 -14.26
N ALA B 207 -9.71 -3.20 -14.71
CA ALA B 207 -9.34 -3.25 -16.11
C ALA B 207 -9.18 -4.63 -16.82
N SER B 208 -9.89 -5.64 -16.28
CA SER B 208 -9.99 -6.94 -16.89
C SER B 208 -11.32 -7.55 -16.48
N SER B 209 -12.30 -6.73 -16.05
CA SER B 209 -13.65 -7.15 -15.66
C SER B 209 -13.73 -8.29 -14.60
N THR B 210 -12.60 -8.63 -13.96
CA THR B 210 -12.46 -9.80 -13.10
C THR B 210 -12.94 -9.67 -11.66
N LYS B 211 -13.34 -10.93 -11.38
CA LYS B 211 -13.78 -11.47 -10.12
C LYS B 211 -13.33 -12.94 -10.24
N VAL B 212 -12.51 -13.45 -9.30
CA VAL B 212 -12.27 -14.89 -9.24
C VAL B 212 -12.39 -15.18 -7.75
N ASP B 213 -13.17 -16.18 -7.34
CA ASP B 213 -13.43 -16.49 -5.95
C ASP B 213 -12.87 -17.90 -5.98
N LYS B 214 -11.93 -18.26 -5.14
CA LYS B 214 -11.33 -19.59 -5.18
C LYS B 214 -11.34 -20.22 -3.78
N LYS B 215 -11.57 -21.52 -3.79
CA LYS B 215 -11.86 -22.23 -2.58
C LYS B 215 -10.78 -23.25 -2.32
N ILE B 216 -10.43 -23.12 -1.06
CA ILE B 216 -9.52 -23.95 -0.31
C ILE B 216 -10.14 -23.93 1.11
#